data_8HTD
#
_entry.id   8HTD
#
_cell.length_a   38.520
_cell.length_b   74.644
_cell.length_c   50.358
_cell.angle_alpha   90.000
_cell.angle_beta   99.230
_cell.angle_gamma   90.000
#
_symmetry.space_group_name_H-M   'P 1 21 1'
#
loop_
_entity.id
_entity.type
_entity.pdbx_description
1 polymer 'NAD(+)--protein-threonine ADP-ribosyltransferase'
2 polymer Ubiquitin
3 water water
#
loop_
_entity_poly.entity_id
_entity_poly.type
_entity_poly.pdbx_seq_one_letter_code
_entity_poly.pdbx_strand_id
1 'polypeptide(L)'
;SNRQEKLAQLMRQFESGGLYLRTVSDHRDEFENTFMPKLDACLGHGCDERYWSSATFIQQGLNGKVHDPHADRTGLIISA
DARLGGFSTFDAATANVPSGLEPSQYFPGQFPKFDMMGAYQATWNEDIFSVDATAVSEQQMDELGIPDEYRSVFDFDRIQ
EKMAQPRLAGREVEPTEAKICYQPKDVLGIYVDVDSPASQSKARELQQAMREQGFDLPFIAYRGGAAQELASV
;
A
2 'polypeptide(L)' MQIFVKTLTGKTITLEVESSDTIDNVKSKIQDKEGIPPDQQRLIFAGKQLEDGRTLSDYNIQKESTLHLVLRLRGG B
#
# COMPACT_ATOMS: atom_id res chain seq x y z
N SER A 1 -16.57 15.86 16.69
CA SER A 1 -17.62 14.96 17.15
C SER A 1 -17.15 14.07 18.30
N ASN A 2 -18.08 13.66 19.16
CA ASN A 2 -17.75 12.82 20.29
C ASN A 2 -17.66 11.36 19.83
N ARG A 3 -17.44 10.46 20.80
CA ARG A 3 -17.23 9.06 20.46
C ARG A 3 -18.43 8.47 19.75
N GLN A 4 -19.63 8.69 20.27
CA GLN A 4 -20.82 8.07 19.69
C GLN A 4 -21.06 8.57 18.26
N GLU A 5 -20.75 9.84 17.99
CA GLU A 5 -20.93 10.36 16.63
C GLU A 5 -19.89 9.79 15.68
N LYS A 6 -18.66 9.60 16.16
CA LYS A 6 -17.63 8.97 15.31
C LYS A 6 -18.02 7.55 14.96
N LEU A 7 -18.51 6.81 15.95
CA LEU A 7 -18.93 5.44 15.70
C LEU A 7 -20.10 5.39 14.71
N ALA A 8 -21.08 6.26 14.90
CA ALA A 8 -22.22 6.31 13.99
C ALA A 8 -21.77 6.61 12.57
N GLN A 9 -20.86 7.58 12.41
CA GLN A 9 -20.33 7.89 11.09
C GLN A 9 -19.59 6.70 10.51
N LEU A 10 -18.74 6.08 11.33
CA LEU A 10 -17.96 4.92 10.90
C LEU A 10 -18.85 3.81 10.36
N MET A 11 -19.85 3.41 11.13
CA MET A 11 -20.70 2.29 10.70
C MET A 11 -21.57 2.67 9.50
N ARG A 12 -22.08 3.91 9.48
CA ARG A 12 -22.80 4.40 8.31
C ARG A 12 -21.97 4.20 7.04
N GLN A 13 -20.68 4.51 7.09
CA GLN A 13 -19.84 4.37 5.91
C GLN A 13 -19.53 2.90 5.64
N PHE A 14 -19.14 2.17 6.69
CA PHE A 14 -18.86 0.75 6.54
C PHE A 14 -20.04 0.01 5.91
N GLU A 15 -21.27 0.34 6.33
CA GLU A 15 -22.47 -0.34 5.83
C GLU A 15 -22.99 0.21 4.52
N SER A 16 -22.35 1.24 3.96
CA SER A 16 -22.74 1.72 2.64
C SER A 16 -21.53 1.56 1.73
N GLY A 17 -20.79 2.63 1.44
CA GLY A 17 -19.71 2.55 0.47
C GLY A 17 -18.35 2.13 0.99
N GLY A 18 -18.21 1.91 2.29
CA GLY A 18 -16.93 1.49 2.86
C GLY A 18 -16.06 2.67 3.26
N LEU A 19 -14.85 2.35 3.68
CA LEU A 19 -13.88 3.33 4.18
C LEU A 19 -12.51 2.68 4.31
N TYR A 20 -11.59 3.27 5.10
CA TYR A 20 -10.21 2.82 5.13
C TYR A 20 -9.84 2.24 6.49
N LEU A 21 -8.85 1.35 6.48
CA LEU A 21 -8.25 0.83 7.70
C LEU A 21 -6.74 0.86 7.51
N ARG A 22 -6.05 1.53 8.42
CA ARG A 22 -4.60 1.64 8.36
C ARG A 22 -4.01 0.93 9.57
N THR A 23 -3.43 -0.26 9.36
CA THR A 23 -2.66 -0.86 10.43
C THR A 23 -1.31 -0.16 10.55
N VAL A 24 -0.78 -0.11 11.77
CA VAL A 24 0.51 0.52 12.02
C VAL A 24 1.36 -0.42 12.86
N SER A 25 2.66 -0.44 12.57
CA SER A 25 3.56 -1.28 13.37
C SER A 25 3.97 -0.62 14.67
N ASP A 26 3.95 0.71 14.71
CA ASP A 26 4.38 1.46 15.90
C ASP A 26 3.38 2.58 16.13
N HIS A 27 2.46 2.37 17.07
CA HIS A 27 1.42 3.35 17.30
C HIS A 27 1.96 4.67 17.83
N ARG A 28 3.04 4.63 18.63
CA ARG A 28 3.61 5.89 19.11
C ARG A 28 4.19 6.70 17.96
N ASP A 29 4.80 6.02 16.98
CA ASP A 29 5.29 6.72 15.80
C ASP A 29 4.14 7.36 15.03
N GLU A 30 3.08 6.60 14.75
CA GLU A 30 1.93 7.16 14.06
C GLU A 30 1.36 8.37 14.80
N PHE A 31 1.26 8.28 16.13
CA PHE A 31 0.69 9.38 16.90
C PHE A 31 1.60 10.59 16.91
N GLU A 32 2.86 10.40 17.28
CA GLU A 32 3.77 11.52 17.50
C GLU A 32 4.20 12.14 16.18
N ASN A 33 4.40 11.33 15.14
CA ASN A 33 5.05 11.79 13.92
C ASN A 33 4.12 11.89 12.72
N THR A 34 2.90 11.36 12.79
CA THR A 34 1.96 11.61 11.71
C THR A 34 0.71 12.36 12.19
N PHE A 35 0.01 11.84 13.20
CA PHE A 35 -1.25 12.46 13.61
C PHE A 35 -1.01 13.83 14.23
N MET A 36 -0.06 13.94 15.15
CA MET A 36 0.18 15.20 15.83
C MET A 36 0.65 16.30 14.88
N PRO A 37 1.57 16.07 13.94
CA PRO A 37 1.90 17.16 13.00
C PRO A 37 0.71 17.58 12.14
N LYS A 38 -0.15 16.63 11.77
CA LYS A 38 -1.38 16.99 11.07
C LYS A 38 -2.26 17.90 11.92
N LEU A 39 -2.44 17.54 13.18
CA LEU A 39 -3.27 18.33 14.08
C LEU A 39 -2.64 19.69 14.37
N ASP A 40 -1.32 19.74 14.54
CA ASP A 40 -0.66 21.03 14.73
C ASP A 40 -0.95 21.98 13.57
N ALA A 41 -0.93 21.46 12.35
CA ALA A 41 -1.23 22.31 11.20
C ALA A 41 -2.70 22.70 11.18
N CYS A 42 -3.59 21.73 11.39
CA CYS A 42 -5.03 21.99 11.39
C CYS A 42 -5.41 23.08 12.38
N LEU A 43 -4.83 23.03 13.58
CA LEU A 43 -5.17 24.01 14.60
C LEU A 43 -4.39 25.30 14.42
N GLY A 44 -3.35 25.28 13.60
CA GLY A 44 -2.56 26.47 13.31
C GLY A 44 -3.11 27.22 12.12
N HIS A 45 -2.35 27.24 11.03
CA HIS A 45 -2.76 28.02 9.86
C HIS A 45 -3.70 27.27 8.94
N GLY A 46 -3.93 25.98 9.18
CA GLY A 46 -4.86 25.19 8.39
C GLY A 46 -4.29 23.82 8.10
N CYS A 47 -5.18 22.88 7.81
CA CYS A 47 -4.75 21.53 7.47
C CYS A 47 -4.03 21.55 6.13
N ASP A 48 -3.02 20.69 5.99
CA ASP A 48 -2.29 20.57 4.73
C ASP A 48 -2.08 19.10 4.40
N GLU A 49 -1.54 18.86 3.20
CA GLU A 49 -1.43 17.51 2.65
C GLU A 49 0.03 17.06 2.52
N ARG A 50 0.81 17.22 3.57
CA ARG A 50 2.23 16.86 3.53
C ARG A 50 2.47 15.38 3.82
N TYR A 51 1.58 14.73 4.56
CA TYR A 51 1.81 13.37 5.03
C TYR A 51 0.83 12.43 4.34
N TRP A 52 1.35 11.55 3.50
CA TRP A 52 0.54 10.48 2.92
C TRP A 52 0.83 9.17 3.65
N SER A 53 -0.17 8.28 3.65
CA SER A 53 -0.15 7.05 4.39
C SER A 53 -0.76 5.92 3.57
N SER A 54 -0.32 4.70 3.84
CA SER A 54 -0.94 3.51 3.27
C SER A 54 -2.13 3.04 4.08
N ALA A 55 -3.13 2.49 3.40
CA ALA A 55 -4.30 1.96 4.08
C ALA A 55 -4.97 0.90 3.21
N THR A 56 -5.84 0.10 3.82
CA THR A 56 -6.65 -0.89 3.12
C THR A 56 -8.10 -0.41 3.05
N PHE A 57 -8.80 -0.81 1.99
CA PHE A 57 -10.21 -0.51 1.86
C PHE A 57 -11.03 -1.58 2.58
N ILE A 58 -11.94 -1.15 3.47
CA ILE A 58 -12.81 -2.09 4.16
C ILE A 58 -14.26 -1.70 3.90
N GLN A 59 -15.15 -2.70 3.96
CA GLN A 59 -16.56 -2.51 3.59
C GLN A 59 -17.35 -3.73 4.04
N GLN A 60 -18.58 -3.50 4.49
CA GLN A 60 -19.41 -4.60 4.98
C GLN A 60 -19.58 -5.64 3.89
N GLY A 61 -19.44 -6.92 4.28
CA GLY A 61 -19.56 -8.02 3.36
C GLY A 61 -18.35 -8.31 2.50
N LEU A 62 -17.39 -7.39 2.43
CA LEU A 62 -16.13 -7.64 1.72
C LEU A 62 -15.20 -8.36 2.69
N ASN A 63 -14.99 -9.65 2.46
CA ASN A 63 -14.12 -10.48 3.32
C ASN A 63 -12.65 -10.18 2.99
N GLY A 64 -12.20 -9.00 3.42
CA GLY A 64 -10.87 -8.53 3.10
C GLY A 64 -9.94 -8.62 4.30
N LYS A 65 -8.76 -9.19 4.08
CA LYS A 65 -7.72 -9.27 5.10
C LYS A 65 -6.99 -7.93 5.22
N VAL A 66 -6.43 -7.68 6.41
CA VAL A 66 -5.59 -6.51 6.63
C VAL A 66 -4.15 -6.98 6.81
N HIS A 67 -3.21 -6.07 6.57
CA HIS A 67 -1.79 -6.42 6.61
C HIS A 67 -1.32 -6.39 8.06
N ASP A 68 -0.99 -7.55 8.59
CA ASP A 68 -0.55 -7.70 9.96
C ASP A 68 0.18 -9.03 10.06
N PRO A 69 1.42 -9.09 9.55
CA PRO A 69 2.12 -10.38 9.48
C PRO A 69 2.20 -11.14 10.78
N HIS A 70 2.33 -10.43 11.91
CA HIS A 70 2.52 -11.07 13.21
C HIS A 70 1.31 -10.92 14.12
N ALA A 71 0.17 -10.51 13.57
CA ALA A 71 -1.06 -10.35 14.34
C ALA A 71 -0.78 -9.58 15.63
N ASP A 72 -0.16 -8.42 15.48
CA ASP A 72 0.19 -7.62 16.67
C ASP A 72 0.07 -6.12 16.41
N ARG A 73 -0.78 -5.71 15.47
CA ARG A 73 -0.92 -4.30 15.13
C ARG A 73 -2.21 -3.72 15.68
N THR A 74 -2.14 -2.46 16.14
CA THR A 74 -3.35 -1.65 16.21
C THR A 74 -3.44 -0.85 14.92
N GLY A 75 -4.22 0.21 14.90
CA GLY A 75 -4.40 0.95 13.66
C GLY A 75 -5.56 1.92 13.77
N LEU A 76 -5.79 2.61 12.66
CA LEU A 76 -6.80 3.66 12.58
C LEU A 76 -7.86 3.30 11.55
N ILE A 77 -9.14 3.46 11.93
CA ILE A 77 -10.24 3.42 10.98
C ILE A 77 -10.45 4.84 10.50
N ILE A 78 -10.42 5.05 9.18
CA ILE A 78 -10.29 6.38 8.60
C ILE A 78 -11.44 6.61 7.63
N SER A 79 -12.09 7.77 7.75
CA SER A 79 -13.25 8.11 6.94
C SER A 79 -12.97 7.98 5.44
N ALA A 80 -14.02 7.59 4.71
CA ALA A 80 -14.00 7.55 3.25
C ALA A 80 -13.71 8.89 2.62
N ASP A 81 -13.82 9.98 3.38
CA ASP A 81 -13.60 11.32 2.85
C ASP A 81 -12.13 11.70 2.79
N ALA A 82 -11.23 10.84 3.26
CA ALA A 82 -9.81 11.13 3.19
C ALA A 82 -9.38 11.29 1.73
N ARG A 83 -8.42 12.19 1.51
CA ARG A 83 -7.86 12.40 0.17
C ARG A 83 -7.24 11.11 -0.35
N LEU A 84 -7.58 10.73 -1.57
CA LEU A 84 -7.15 9.46 -2.15
C LEU A 84 -6.10 9.70 -3.24
N GLY A 85 -4.96 9.02 -3.15
CA GLY A 85 -3.87 9.18 -4.10
C GLY A 85 -3.74 8.04 -5.10
N GLY A 86 -4.36 6.92 -4.80
CA GLY A 86 -4.35 5.77 -5.66
C GLY A 86 -4.74 4.53 -4.89
N PHE A 87 -5.19 3.53 -5.64
CA PHE A 87 -5.63 2.27 -5.06
C PHE A 87 -5.26 1.14 -6.00
N SER A 88 -4.76 0.06 -5.44
CA SER A 88 -4.51 -1.17 -6.19
C SER A 88 -4.90 -2.35 -5.32
N THR A 89 -5.21 -3.47 -5.97
CA THR A 89 -5.42 -4.71 -5.23
C THR A 89 -4.12 -5.39 -4.87
N PHE A 90 -3.03 -5.00 -5.50
CA PHE A 90 -1.72 -5.60 -5.25
C PHE A 90 -1.13 -5.05 -3.95
N TYR A 106 6.02 9.58 0.31
CA TYR A 106 5.19 9.45 -0.87
C TYR A 106 4.51 10.79 -1.18
N PHE A 107 4.53 11.19 -2.45
CA PHE A 107 3.71 12.31 -2.89
C PHE A 107 2.99 11.95 -4.17
N PRO A 108 1.84 12.60 -4.44
CA PRO A 108 1.05 12.22 -5.62
C PRO A 108 1.83 12.36 -6.92
N GLY A 109 1.64 11.38 -7.79
CA GLY A 109 2.48 11.14 -8.95
C GLY A 109 3.22 9.81 -8.88
N GLN A 110 3.40 9.26 -7.68
CA GLN A 110 4.20 8.06 -7.50
C GLN A 110 3.38 6.76 -7.55
N PHE A 111 2.08 6.85 -7.66
CA PHE A 111 1.32 5.60 -7.71
C PHE A 111 1.35 5.03 -9.12
N PRO A 112 1.77 3.78 -9.30
CA PRO A 112 1.79 3.21 -10.65
C PRO A 112 0.38 3.05 -11.17
N LYS A 113 0.24 3.23 -12.49
CA LYS A 113 -1.04 3.04 -13.15
C LYS A 113 -1.42 1.57 -13.26
N PHE A 114 -0.43 0.68 -13.33
CA PHE A 114 -0.71 -0.74 -13.36
C PHE A 114 0.46 -1.46 -12.69
N ASP A 115 0.20 -2.73 -12.33
CA ASP A 115 1.16 -3.64 -11.70
C ASP A 115 1.97 -4.30 -12.80
N MET A 116 3.22 -3.87 -12.99
CA MET A 116 4.00 -4.35 -14.14
C MET A 116 4.27 -5.84 -14.07
N MET A 117 4.73 -6.34 -12.92
CA MET A 117 5.09 -7.77 -12.85
C MET A 117 3.85 -8.66 -12.91
N GLY A 118 2.77 -8.23 -12.25
CA GLY A 118 1.52 -8.97 -12.35
C GLY A 118 0.99 -9.02 -13.77
N ALA A 119 0.96 -7.86 -14.45
CA ALA A 119 0.45 -7.79 -15.81
C ALA A 119 1.29 -8.67 -16.75
N TYR A 120 2.60 -8.69 -16.53
CA TYR A 120 3.45 -9.52 -17.38
C TYR A 120 3.16 -11.01 -17.17
N GLN A 121 3.01 -11.44 -15.93
CA GLN A 121 2.70 -12.86 -15.74
C GLN A 121 1.27 -13.20 -16.11
N ALA A 122 0.42 -12.20 -16.38
CA ALA A 122 -0.91 -12.45 -16.93
C ALA A 122 -0.88 -12.61 -18.45
N THR A 123 -0.18 -11.71 -19.14
CA THR A 123 -0.23 -11.60 -20.59
C THR A 123 1.04 -12.03 -21.29
N TRP A 124 2.17 -12.08 -20.59
CA TRP A 124 3.49 -12.39 -21.15
C TRP A 124 3.85 -11.47 -22.31
N ASN A 125 3.29 -10.27 -22.35
CA ASN A 125 3.57 -9.29 -23.39
C ASN A 125 4.84 -8.49 -23.03
N GLU A 126 5.95 -8.79 -23.70
CA GLU A 126 7.21 -8.13 -23.39
C GLU A 126 7.20 -6.64 -23.73
N ASP A 127 6.26 -6.20 -24.57
CA ASP A 127 6.13 -4.76 -24.79
C ASP A 127 5.75 -4.00 -23.53
N ILE A 128 5.29 -4.70 -22.48
CA ILE A 128 5.02 -4.05 -21.21
C ILE A 128 6.28 -3.36 -20.67
N PHE A 129 7.45 -3.97 -20.89
CA PHE A 129 8.66 -3.40 -20.32
C PHE A 129 9.17 -2.18 -21.07
N SER A 130 8.53 -1.80 -22.17
CA SER A 130 8.95 -0.63 -22.93
C SER A 130 8.32 0.65 -22.41
N VAL A 131 7.48 0.57 -21.39
CA VAL A 131 6.80 1.75 -20.86
C VAL A 131 7.14 1.91 -19.38
N ASP A 132 6.84 3.09 -18.86
CA ASP A 132 6.99 3.42 -17.45
C ASP A 132 5.60 3.39 -16.82
N ALA A 133 5.41 2.49 -15.85
CA ALA A 133 4.07 2.29 -15.33
C ALA A 133 3.56 3.50 -14.56
N THR A 134 4.40 4.49 -14.28
CA THR A 134 3.95 5.76 -13.74
C THR A 134 3.66 6.81 -14.82
N ALA A 135 4.04 6.56 -16.07
CA ALA A 135 3.87 7.53 -17.15
C ALA A 135 3.40 6.82 -18.42
N VAL A 136 2.19 6.27 -18.36
CA VAL A 136 1.65 5.53 -19.49
C VAL A 136 0.23 6.01 -19.72
N SER A 137 -0.16 6.14 -20.99
CA SER A 137 -1.49 6.61 -21.32
C SER A 137 -2.52 5.49 -21.14
N GLU A 138 -3.79 5.89 -21.03
CA GLU A 138 -4.87 4.90 -21.14
C GLU A 138 -4.80 4.19 -22.48
N GLN A 139 -4.53 4.94 -23.55
CA GLN A 139 -4.44 4.33 -24.87
C GLN A 139 -3.33 3.29 -24.90
N GLN A 140 -2.17 3.61 -24.33
CA GLN A 140 -1.06 2.67 -24.35
C GLN A 140 -1.36 1.45 -23.49
N MET A 141 -1.99 1.64 -22.32
CA MET A 141 -2.36 0.49 -21.50
C MET A 141 -3.34 -0.41 -22.25
N ASP A 142 -4.31 0.19 -22.94
CA ASP A 142 -5.21 -0.59 -23.79
C ASP A 142 -4.45 -1.27 -24.93
N GLU A 143 -3.53 -0.53 -25.58
CA GLU A 143 -2.76 -1.13 -26.67
C GLU A 143 -1.92 -2.30 -26.18
N LEU A 144 -1.35 -2.19 -24.98
CA LEU A 144 -0.57 -3.28 -24.40
C LEU A 144 -1.43 -4.43 -23.92
N GLY A 145 -2.75 -4.23 -23.81
CA GLY A 145 -3.60 -5.30 -23.31
C GLY A 145 -3.51 -5.50 -21.81
N ILE A 146 -3.24 -4.46 -21.04
CA ILE A 146 -3.16 -4.59 -19.58
C ILE A 146 -4.55 -4.90 -19.04
N PRO A 147 -4.80 -6.09 -18.49
CA PRO A 147 -6.13 -6.40 -17.98
C PRO A 147 -6.49 -5.52 -16.79
N ASP A 148 -7.77 -5.18 -16.66
CA ASP A 148 -8.16 -4.24 -15.62
C ASP A 148 -7.84 -4.75 -14.22
N GLU A 149 -7.70 -6.07 -14.06
CA GLU A 149 -7.29 -6.63 -12.77
C GLU A 149 -5.94 -6.11 -12.32
N TYR A 150 -5.11 -5.63 -13.24
CA TYR A 150 -3.77 -5.18 -12.85
C TYR A 150 -3.62 -3.69 -12.90
N ARG A 151 -4.70 -2.95 -13.09
CA ARG A 151 -4.63 -1.51 -13.19
C ARG A 151 -5.05 -0.88 -11.86
N SER A 152 -4.40 0.23 -11.53
CA SER A 152 -4.80 1.00 -10.37
C SER A 152 -5.97 1.91 -10.71
N VAL A 153 -6.65 2.39 -9.67
CA VAL A 153 -7.72 3.36 -9.86
C VAL A 153 -7.48 4.54 -8.93
N PHE A 154 -8.17 5.63 -9.23
CA PHE A 154 -7.83 6.92 -8.64
C PHE A 154 -9.01 7.71 -8.11
N ASP A 155 -10.19 7.11 -8.00
CA ASP A 155 -11.25 7.78 -7.25
C ASP A 155 -12.01 6.74 -6.47
N PHE A 156 -12.74 7.21 -5.45
CA PHE A 156 -13.32 6.29 -4.48
C PHE A 156 -14.37 5.38 -5.12
N ASP A 157 -15.13 5.90 -6.08
CA ASP A 157 -16.15 5.07 -6.71
C ASP A 157 -15.53 3.86 -7.40
N ARG A 158 -14.35 4.03 -8.00
CA ARG A 158 -13.70 2.92 -8.69
C ARG A 158 -13.08 1.91 -7.74
N ILE A 159 -12.74 2.32 -6.51
CA ILE A 159 -12.35 1.32 -5.51
C ILE A 159 -13.51 0.38 -5.24
N GLN A 160 -14.69 0.96 -4.98
CA GLN A 160 -15.91 0.18 -4.76
C GLN A 160 -16.15 -0.80 -5.89
N GLU A 161 -16.02 -0.31 -7.13
CA GLU A 161 -16.23 -1.14 -8.32
C GLU A 161 -15.21 -2.26 -8.38
N LYS A 162 -13.94 -1.94 -8.14
CA LYS A 162 -12.89 -2.96 -8.17
C LYS A 162 -13.17 -4.06 -7.17
N MET A 163 -13.72 -3.73 -6.00
CA MET A 163 -13.95 -4.74 -4.98
C MET A 163 -15.36 -5.33 -5.02
N ALA A 164 -16.22 -4.91 -5.96
CA ALA A 164 -17.62 -5.31 -5.93
C ALA A 164 -17.79 -6.81 -6.10
N GLN A 165 -17.04 -7.41 -7.04
CA GLN A 165 -17.26 -8.83 -7.34
C GLN A 165 -16.91 -9.73 -6.17
N PRO A 166 -15.74 -9.59 -5.52
CA PRO A 166 -15.48 -10.43 -4.33
C PRO A 166 -16.42 -10.13 -3.16
N ARG A 167 -16.76 -8.87 -2.95
CA ARG A 167 -17.73 -8.53 -1.91
C ARG A 167 -19.03 -9.30 -2.11
N LEU A 168 -19.58 -9.24 -3.32
CA LEU A 168 -20.87 -9.86 -3.57
C LEU A 168 -20.78 -11.38 -3.49
N ALA A 169 -19.63 -11.95 -3.85
CA ALA A 169 -19.44 -13.38 -3.80
C ALA A 169 -19.21 -13.91 -2.40
N GLY A 170 -18.89 -13.04 -1.44
CA GLY A 170 -18.48 -13.52 -0.14
C GLY A 170 -17.12 -14.16 -0.15
N ARG A 171 -16.28 -13.79 -1.10
CA ARG A 171 -14.98 -14.42 -1.29
C ARG A 171 -13.91 -13.65 -0.54
N GLU A 172 -12.98 -14.38 0.07
CA GLU A 172 -11.90 -13.75 0.85
C GLU A 172 -10.81 -13.22 -0.07
N VAL A 173 -10.34 -11.99 0.22
CA VAL A 173 -9.34 -11.33 -0.61
C VAL A 173 -8.18 -10.85 0.25
N GLU A 174 -7.02 -10.72 -0.39
CA GLU A 174 -5.81 -10.30 0.27
C GLU A 174 -5.90 -8.81 0.58
N PRO A 175 -4.98 -8.27 1.38
CA PRO A 175 -5.02 -6.84 1.70
C PRO A 175 -4.79 -5.97 0.47
N THR A 176 -5.61 -4.94 0.33
CA THR A 176 -5.45 -3.99 -0.77
C THR A 176 -4.67 -2.78 -0.27
N GLU A 177 -4.24 -1.93 -1.21
CA GLU A 177 -3.37 -0.80 -0.90
C GLU A 177 -3.97 0.50 -1.44
N ALA A 178 -4.31 1.42 -0.55
CA ALA A 178 -4.60 2.79 -0.95
C ALA A 178 -3.54 3.71 -0.34
N LYS A 179 -3.20 4.76 -1.09
CA LYS A 179 -2.40 5.85 -0.56
C LYS A 179 -3.36 7.01 -0.29
N ILE A 180 -3.42 7.46 0.96
CA ILE A 180 -4.39 8.47 1.36
C ILE A 180 -3.66 9.55 2.15
N CYS A 181 -4.37 10.66 2.34
CA CYS A 181 -3.91 11.76 3.18
C CYS A 181 -5.06 12.05 4.14
N TYR A 182 -4.98 11.53 5.35
CA TYR A 182 -6.07 11.70 6.29
C TYR A 182 -5.79 12.92 7.15
N GLN A 183 -6.85 13.60 7.53
CA GLN A 183 -6.81 14.68 8.50
C GLN A 183 -7.39 14.20 9.83
N PRO A 184 -7.08 14.89 10.94
CA PRO A 184 -7.57 14.43 12.24
C PRO A 184 -9.08 14.15 12.29
N LYS A 185 -9.89 15.02 11.66
CA LYS A 185 -11.33 14.80 11.58
C LYS A 185 -11.70 13.48 10.91
N ASP A 186 -10.82 12.92 10.07
CA ASP A 186 -11.10 11.66 9.37
C ASP A 186 -10.87 10.43 10.22
N VAL A 187 -10.24 10.54 11.38
CA VAL A 187 -9.99 9.35 12.17
C VAL A 187 -11.24 9.01 12.97
N LEU A 188 -11.84 7.86 12.68
CA LEU A 188 -13.11 7.50 13.28
C LEU A 188 -13.01 6.40 14.34
N GLY A 189 -11.94 5.61 14.33
CA GLY A 189 -11.84 4.50 15.28
C GLY A 189 -10.42 3.96 15.36
N ILE A 190 -10.22 3.14 16.40
CA ILE A 190 -8.94 2.46 16.67
C ILE A 190 -9.14 0.97 16.37
N TYR A 191 -8.31 0.43 15.46
CA TYR A 191 -8.39 -0.98 15.12
C TYR A 191 -7.83 -1.87 16.24
N VAL A 192 -8.57 -2.94 16.58
CA VAL A 192 -8.14 -3.96 17.54
C VAL A 192 -8.27 -5.34 16.91
N ASP A 193 -7.20 -6.14 17.02
CA ASP A 193 -7.23 -7.55 16.63
C ASP A 193 -7.67 -8.36 17.85
N VAL A 194 -8.87 -8.91 17.76
CA VAL A 194 -9.50 -9.68 18.84
C VAL A 194 -8.67 -10.88 19.31
N ASP A 195 -7.75 -11.38 18.48
CA ASP A 195 -6.97 -12.57 18.82
C ASP A 195 -5.62 -12.23 19.45
N SER A 196 -5.31 -10.95 19.64
CA SER A 196 -3.93 -10.51 19.89
C SER A 196 -3.84 -9.66 21.14
N PRO A 197 -3.33 -10.19 22.25
CA PRO A 197 -3.03 -9.31 23.41
C PRO A 197 -2.22 -8.09 23.04
N ALA A 198 -1.21 -8.24 22.16
CA ALA A 198 -0.33 -7.12 21.83
C ALA A 198 -1.10 -6.02 21.09
N SER A 199 -1.92 -6.41 20.12
CA SER A 199 -2.77 -5.44 19.45
C SER A 199 -3.64 -4.68 20.44
N GLN A 200 -4.22 -5.40 21.41
CA GLN A 200 -5.08 -4.77 22.39
C GLN A 200 -4.29 -3.84 23.30
N SER A 201 -3.09 -4.25 23.72
CA SER A 201 -2.26 -3.39 24.55
C SER A 201 -1.89 -2.10 23.82
N LYS A 202 -1.48 -2.21 22.56
CA LYS A 202 -1.14 -1.02 21.78
C LYS A 202 -2.36 -0.15 21.51
N ALA A 203 -3.46 -0.78 21.12
CA ALA A 203 -4.70 -0.03 20.85
C ALA A 203 -5.14 0.76 22.08
N ARG A 204 -5.04 0.14 23.25
CA ARG A 204 -5.36 0.80 24.53
C ARG A 204 -4.57 2.10 24.69
N GLU A 205 -3.27 2.05 24.41
CA GLU A 205 -2.44 3.24 24.59
C GLU A 205 -2.77 4.29 23.55
N LEU A 206 -2.95 3.86 22.30
CA LEU A 206 -3.23 4.80 21.23
C LEU A 206 -4.53 5.54 21.49
N GLN A 207 -5.56 4.80 21.90
CA GLN A 207 -6.87 5.40 22.13
C GLN A 207 -6.83 6.41 23.27
N GLN A 208 -6.09 6.10 24.33
CA GLN A 208 -5.93 7.06 25.44
C GLN A 208 -5.27 8.34 24.95
N ALA A 209 -4.17 8.20 24.21
CA ALA A 209 -3.44 9.38 23.75
C ALA A 209 -4.31 10.24 22.84
N MET A 210 -5.10 9.61 21.97
CA MET A 210 -5.95 10.36 21.06
C MET A 210 -7.09 11.06 21.80
N ARG A 211 -7.68 10.37 22.78
CA ARG A 211 -8.73 10.99 23.58
C ARG A 211 -8.20 12.24 24.29
N GLU A 212 -7.00 12.15 24.85
CA GLU A 212 -6.43 13.29 25.57
C GLU A 212 -6.21 14.47 24.65
N GLN A 213 -6.09 14.25 23.34
CA GLN A 213 -6.00 15.35 22.42
C GLN A 213 -7.37 15.88 22.01
N GLY A 214 -8.44 15.30 22.52
CA GLY A 214 -9.79 15.69 22.15
C GLY A 214 -10.48 14.81 21.13
N PHE A 215 -9.90 13.64 20.82
CA PHE A 215 -10.45 12.72 19.83
C PHE A 215 -10.77 11.40 20.53
N ASP A 216 -11.98 11.31 21.08
CA ASP A 216 -12.43 10.13 21.81
C ASP A 216 -12.99 9.16 20.78
N LEU A 217 -12.30 8.04 20.57
CA LEU A 217 -12.61 7.16 19.47
C LEU A 217 -13.03 5.78 19.96
N PRO A 218 -13.93 5.12 19.25
CA PRO A 218 -14.32 3.77 19.64
C PRO A 218 -13.25 2.78 19.20
N PHE A 219 -13.14 1.70 19.96
CA PHE A 219 -12.36 0.55 19.53
C PHE A 219 -13.19 -0.27 18.54
N ILE A 220 -12.59 -0.66 17.43
CA ILE A 220 -13.31 -1.38 16.38
C ILE A 220 -12.59 -2.69 16.10
N ALA A 221 -13.28 -3.81 16.32
CA ALA A 221 -12.82 -5.12 15.86
C ALA A 221 -13.30 -5.33 14.43
N TYR A 222 -12.42 -5.13 13.45
CA TYR A 222 -12.74 -5.45 12.07
C TYR A 222 -12.27 -6.88 11.78
N ARG A 223 -13.10 -7.64 11.06
CA ARG A 223 -12.68 -8.94 10.55
C ARG A 223 -13.71 -9.48 9.55
N GLY A 224 -13.23 -9.94 8.40
CA GLY A 224 -14.09 -10.67 7.47
C GLY A 224 -15.30 -9.90 6.98
N GLY A 225 -15.12 -8.60 6.71
CA GLY A 225 -16.24 -7.81 6.25
C GLY A 225 -17.26 -7.47 7.29
N ALA A 226 -16.89 -7.58 8.57
CA ALA A 226 -17.76 -7.18 9.67
C ALA A 226 -16.95 -6.32 10.63
N ALA A 227 -17.64 -5.40 11.30
CA ALA A 227 -16.97 -4.46 12.20
C ALA A 227 -17.84 -4.25 13.42
N GLN A 228 -17.22 -4.33 14.58
CA GLN A 228 -17.94 -4.38 15.85
C GLN A 228 -17.27 -3.44 16.85
N GLU A 229 -18.08 -2.63 17.54
CA GLU A 229 -17.59 -1.72 18.55
C GLU A 229 -17.23 -2.45 19.85
N LEU A 230 -16.15 -1.99 20.51
CA LEU A 230 -15.72 -2.60 21.76
C LEU A 230 -15.67 -1.57 22.88
N ALA A 231 -15.92 -2.03 24.10
CA ALA A 231 -15.98 -1.15 25.25
C ALA A 231 -14.60 -0.58 25.58
N SER A 232 -13.71 -1.47 25.97
CA SER A 232 -12.36 -1.16 26.40
C SER A 232 -11.53 -2.43 26.20
N VAL A 233 -10.33 -2.26 25.66
CA VAL A 233 -9.44 -3.40 25.45
C VAL A 233 -8.17 -3.25 26.27
N MET B 1 25.61 -2.08 0.38
CA MET B 1 24.23 -2.33 0.74
C MET B 1 23.76 -3.69 0.21
N GLN B 2 22.65 -4.16 0.78
CA GLN B 2 22.06 -5.45 0.44
C GLN B 2 20.75 -5.19 -0.29
N ILE B 3 20.61 -5.72 -1.50
CA ILE B 3 19.35 -5.68 -2.22
C ILE B 3 18.95 -7.09 -2.63
N PHE B 4 17.70 -7.23 -3.02
CA PHE B 4 17.10 -8.52 -3.36
C PHE B 4 16.60 -8.49 -4.79
N VAL B 5 16.69 -9.65 -5.45
CA VAL B 5 16.23 -9.81 -6.82
C VAL B 5 15.36 -11.06 -6.85
N LYS B 6 14.08 -10.88 -7.19
CA LYS B 6 13.15 -11.99 -7.30
C LYS B 6 13.09 -12.46 -8.73
N THR B 7 13.14 -13.78 -8.93
CA THR B 7 12.92 -14.34 -10.26
C THR B 7 11.44 -14.66 -10.47
N LEU B 8 11.10 -15.01 -11.71
CA LEU B 8 9.74 -15.42 -12.07
C LEU B 8 9.43 -16.87 -11.71
N THR B 9 10.30 -17.56 -10.99
CA THR B 9 10.04 -18.93 -10.58
C THR B 9 10.34 -19.12 -9.10
N GLY B 10 10.03 -18.13 -8.26
CA GLY B 10 10.05 -18.29 -6.83
C GLY B 10 11.31 -17.84 -6.10
N LYS B 11 12.45 -17.78 -6.80
CA LYS B 11 13.74 -17.62 -6.15
C LYS B 11 14.01 -16.18 -5.74
N THR B 12 14.55 -16.00 -4.53
CA THR B 12 15.09 -14.72 -4.09
C THR B 12 16.61 -14.77 -4.14
N ILE B 13 17.21 -13.78 -4.81
CA ILE B 13 18.65 -13.63 -4.87
C ILE B 13 19.05 -12.47 -3.96
N THR B 14 20.13 -12.65 -3.20
CA THR B 14 20.67 -11.58 -2.38
C THR B 14 21.97 -11.09 -2.98
N LEU B 15 22.14 -9.77 -3.05
CA LEU B 15 23.34 -9.17 -3.64
C LEU B 15 23.91 -8.10 -2.71
N GLU B 16 25.23 -7.99 -2.66
CA GLU B 16 25.90 -6.86 -2.04
C GLU B 16 26.25 -5.86 -3.14
N VAL B 17 25.78 -4.61 -2.99
CA VAL B 17 25.99 -3.61 -4.02
C VAL B 17 26.32 -2.27 -3.36
N GLU B 18 26.85 -1.36 -4.17
CA GLU B 18 27.06 0.00 -3.73
C GLU B 18 26.12 0.90 -4.52
N SER B 19 25.78 2.05 -3.91
CA SER B 19 24.75 2.90 -4.49
C SER B 19 25.16 3.42 -5.87
N SER B 20 26.46 3.52 -6.14
CA SER B 20 26.93 4.02 -7.42
C SER B 20 27.17 2.93 -8.47
N ASP B 21 26.82 1.68 -8.18
CA ASP B 21 26.95 0.60 -9.16
C ASP B 21 26.09 0.90 -10.39
N THR B 22 26.65 0.68 -11.56
CA THR B 22 25.79 0.80 -12.74
C THR B 22 24.84 -0.38 -12.80
N ILE B 23 23.79 -0.22 -13.61
CA ILE B 23 22.91 -1.35 -13.87
C ILE B 23 23.66 -2.49 -14.52
N ASP B 24 24.58 -2.16 -15.44
CA ASP B 24 25.44 -3.19 -16.03
C ASP B 24 26.23 -3.93 -14.96
N ASN B 25 26.66 -3.23 -13.91
CA ASN B 25 27.42 -3.87 -12.84
C ASN B 25 26.54 -4.82 -12.03
N VAL B 26 25.31 -4.42 -11.73
CA VAL B 26 24.39 -5.27 -10.98
C VAL B 26 24.09 -6.53 -11.78
N LYS B 27 23.88 -6.39 -13.09
CA LYS B 27 23.66 -7.54 -13.96
C LYS B 27 24.88 -8.45 -14.00
N SER B 28 26.08 -7.91 -13.83
CA SER B 28 27.25 -8.77 -13.75
C SER B 28 27.24 -9.60 -12.48
N LYS B 29 26.81 -9.01 -11.37
CA LYS B 29 26.68 -9.75 -10.12
C LYS B 29 25.60 -10.82 -10.22
N ILE B 30 24.50 -10.52 -10.92
CA ILE B 30 23.48 -11.54 -11.18
C ILE B 30 24.04 -12.66 -12.06
N GLN B 31 24.81 -12.29 -13.11
CA GLN B 31 25.45 -13.33 -13.93
C GLN B 31 26.30 -14.26 -13.07
N ASP B 32 27.08 -13.70 -12.15
CA ASP B 32 27.99 -14.52 -11.37
C ASP B 32 27.23 -15.53 -10.51
N LYS B 33 26.04 -15.17 -10.03
CA LYS B 33 25.28 -16.07 -9.15
C LYS B 33 24.34 -17.00 -9.92
N GLU B 34 23.77 -16.51 -11.03
CA GLU B 34 22.68 -17.17 -11.74
C GLU B 34 23.05 -17.64 -13.14
N GLY B 35 24.17 -17.18 -13.69
CA GLY B 35 24.62 -17.64 -14.99
C GLY B 35 23.93 -17.01 -16.18
N ILE B 36 23.17 -15.93 -15.97
CA ILE B 36 22.42 -15.27 -17.03
C ILE B 36 23.30 -14.14 -17.58
N PRO B 37 23.69 -14.18 -18.85
CA PRO B 37 24.46 -13.06 -19.42
C PRO B 37 23.68 -11.76 -19.30
N PRO B 38 24.37 -10.64 -19.07
CA PRO B 38 23.63 -9.38 -18.82
C PRO B 38 22.76 -8.94 -19.98
N ASP B 39 23.12 -9.27 -21.21
CA ASP B 39 22.27 -8.98 -22.36
C ASP B 39 20.97 -9.79 -22.33
N GLN B 40 20.88 -10.84 -21.51
CA GLN B 40 19.67 -11.62 -21.40
C GLN B 40 18.86 -11.29 -20.14
N GLN B 41 19.15 -10.18 -19.46
CA GLN B 41 18.46 -9.81 -18.24
C GLN B 41 17.60 -8.56 -18.42
N ARG B 42 16.41 -8.56 -17.83
CA ARG B 42 15.68 -7.35 -17.52
C ARG B 42 15.63 -7.18 -16.01
N LEU B 43 15.89 -5.97 -15.54
CA LEU B 43 15.71 -5.63 -14.13
C LEU B 43 14.58 -4.61 -14.01
N ILE B 44 13.59 -4.93 -13.20
CA ILE B 44 12.39 -4.10 -13.02
C ILE B 44 12.36 -3.60 -11.59
N PHE B 45 12.07 -2.31 -11.42
CA PHE B 45 11.94 -1.77 -10.08
C PHE B 45 10.93 -0.63 -10.10
N ALA B 46 9.94 -0.68 -9.21
CA ALA B 46 8.93 0.37 -9.10
C ALA B 46 8.28 0.67 -10.44
N GLY B 47 8.08 -0.39 -11.23
CA GLY B 47 7.34 -0.26 -12.47
C GLY B 47 8.13 0.27 -13.64
N LYS B 48 9.46 0.14 -13.62
CA LYS B 48 10.28 0.56 -14.75
C LYS B 48 11.40 -0.44 -14.96
N GLN B 49 11.71 -0.71 -16.23
CA GLN B 49 12.90 -1.49 -16.57
C GLN B 49 14.13 -0.59 -16.56
N LEU B 50 15.20 -1.06 -15.92
CA LEU B 50 16.37 -0.24 -15.65
C LEU B 50 17.35 -0.27 -16.82
N GLU B 51 17.87 0.89 -17.19
CA GLU B 51 18.72 1.04 -18.36
C GLU B 51 20.20 0.84 -18.02
N ASP B 52 20.91 0.20 -18.92
CA ASP B 52 22.36 0.17 -18.84
C ASP B 52 22.92 1.56 -19.06
N GLY B 53 24.06 1.82 -18.42
CA GLY B 53 24.63 3.13 -18.36
C GLY B 53 24.25 3.90 -17.11
N ARG B 54 23.07 3.64 -16.56
CA ARG B 54 22.62 4.34 -15.38
C ARG B 54 22.98 3.54 -14.13
N THR B 55 22.90 4.20 -12.98
CA THR B 55 23.27 3.61 -11.70
C THR B 55 22.03 3.38 -10.84
N LEU B 56 22.26 2.71 -9.70
CA LEU B 56 21.15 2.45 -8.79
C LEU B 56 20.60 3.73 -8.20
N SER B 57 21.48 4.70 -7.94
CA SER B 57 21.04 5.99 -7.41
C SER B 57 20.23 6.78 -8.44
N ASP B 58 20.56 6.65 -9.73
CA ASP B 58 19.77 7.29 -10.77
C ASP B 58 18.31 6.83 -10.75
N TYR B 59 18.04 5.66 -10.18
CA TYR B 59 16.69 5.18 -9.97
C TYR B 59 16.26 5.28 -8.51
N ASN B 60 17.12 5.86 -7.67
CA ASN B 60 16.81 6.08 -6.24
C ASN B 60 16.47 4.76 -5.54
N ILE B 61 17.19 3.71 -5.90
CA ILE B 61 17.03 2.40 -5.28
C ILE B 61 17.83 2.38 -3.98
N GLN B 62 17.14 2.19 -2.87
CA GLN B 62 17.75 2.24 -1.55
C GLN B 62 18.00 0.82 -1.04
N LYS B 63 18.48 0.74 0.20
CA LYS B 63 18.86 -0.54 0.78
C LYS B 63 17.64 -1.42 1.04
N GLU B 64 17.86 -2.74 0.95
CA GLU B 64 16.84 -3.78 1.13
C GLU B 64 15.69 -3.67 0.13
N SER B 65 15.87 -2.90 -0.93
CA SER B 65 14.90 -2.87 -2.02
C SER B 65 14.86 -4.23 -2.71
N THR B 66 13.73 -4.50 -3.37
CA THR B 66 13.58 -5.71 -4.16
C THR B 66 13.45 -5.33 -5.62
N LEU B 67 14.28 -5.94 -6.46
CA LEU B 67 14.17 -5.81 -7.90
C LEU B 67 13.58 -7.11 -8.44
N HIS B 68 13.07 -7.05 -9.68
CA HIS B 68 12.48 -8.22 -10.31
C HIS B 68 13.26 -8.53 -11.57
N LEU B 69 13.76 -9.76 -11.65
CA LEU B 69 14.54 -10.22 -12.80
C LEU B 69 13.61 -10.94 -13.78
N VAL B 70 13.68 -10.54 -15.05
CA VAL B 70 12.95 -11.18 -16.13
C VAL B 70 13.95 -11.51 -17.23
N LEU B 71 13.89 -12.74 -17.75
CA LEU B 71 14.82 -13.10 -18.81
C LEU B 71 14.30 -12.63 -20.16
N ARG B 72 15.23 -12.27 -21.04
CA ARG B 72 14.94 -11.82 -22.39
C ARG B 72 15.92 -12.46 -23.36
N LEU B 73 15.62 -12.37 -24.65
CA LEU B 73 16.51 -12.91 -25.66
C LEU B 73 17.78 -12.07 -25.80
N ARG B 74 17.62 -10.78 -26.04
CA ARG B 74 18.80 -9.94 -26.29
C ARG B 74 18.47 -8.48 -26.02
N GLY B 75 19.48 -7.75 -25.54
CA GLY B 75 19.31 -6.35 -25.19
C GLY B 75 19.30 -6.14 -23.68
#